data_2EKT
#
_entry.id   2EKT
#
_cell.length_a   90.248
_cell.length_b   90.248
_cell.length_c   45.346
_cell.angle_alpha   90.00
_cell.angle_beta   90.00
_cell.angle_gamma   120.00
#
_symmetry.space_group_name_H-M   'P 6'
#
loop_
_entity.id
_entity.type
_entity.pdbx_description
1 polymer Myoglobin
2 non-polymer 'SULFATE ION'
3 non-polymer 6-METHY-6-DEPROPIONATEHEMIN
4 water water
#
_entity_poly.entity_id   1
_entity_poly.type   'polypeptide(L)'
_entity_poly.pdbx_seq_one_letter_code
;VLSEGEWQLVLHVWAKVEADVAGHGQDILIRLFKSHPETLEKFDRFKHLKTEAEMKASEDLKKHGVTVLTALGAILKKKG
HHEAELKPLAQSHATKHKIPIKYLEFISEAIIHVLHSRHPGDFGADAQGAMNKALELFRKDIAAKYKELGYQG
;
_entity_poly.pdbx_strand_id   A
#
loop_
_chem_comp.id
_chem_comp.type
_chem_comp.name
_chem_comp.formula
6HE non-polymer 6-METHY-6-DEPROPIONATEHEMIN 'C32 H30 Fe N4 O2'
SO4 non-polymer 'SULFATE ION' 'O4 S -2'
#
# COMPACT_ATOMS: atom_id res chain seq x y z
N VAL A 1 4.89 7.82 -17.38
CA VAL A 1 3.85 6.83 -17.47
C VAL A 1 4.58 5.50 -17.47
N LEU A 2 3.94 4.50 -16.91
CA LEU A 2 4.43 3.15 -17.08
C LEU A 2 4.13 2.63 -18.49
N SER A 3 5.04 1.80 -18.98
CA SER A 3 4.75 1.09 -20.22
C SER A 3 3.78 -0.05 -19.95
N GLU A 4 3.17 -0.58 -21.00
CA GLU A 4 2.34 -1.76 -20.84
C GLU A 4 3.17 -2.91 -20.29
N GLY A 5 4.38 -3.09 -20.74
CA GLY A 5 5.21 -4.13 -20.18
C GLY A 5 5.45 -4.01 -18.68
N GLU A 6 5.67 -2.77 -18.23
CA GLU A 6 5.77 -2.50 -16.80
C GLU A 6 4.46 -2.82 -16.08
N TRP A 7 3.31 -2.44 -16.61
CA TRP A 7 2.07 -2.80 -15.99
C TRP A 7 1.90 -4.28 -15.94
N GLN A 8 2.30 -5.02 -16.96
CA GLN A 8 2.17 -6.47 -16.89
C GLN A 8 3.05 -7.04 -15.79
N LEU A 9 4.24 -6.49 -15.57
CA LEU A 9 5.05 -6.97 -14.45
C LEU A 9 4.35 -6.70 -13.11
N VAL A 10 3.73 -5.54 -12.98
CA VAL A 10 2.98 -5.19 -11.78
C VAL A 10 1.83 -6.15 -11.56
N LEU A 11 1.02 -6.37 -12.61
CA LEU A 11 -0.20 -7.13 -12.45
C LEU A 11 0.08 -8.62 -12.30
N HIS A 12 1.16 -9.13 -12.87
CA HIS A 12 1.54 -10.51 -12.63
C HIS A 12 1.84 -10.76 -11.17
N VAL A 13 2.58 -9.84 -10.55
CA VAL A 13 2.87 -9.96 -9.12
C VAL A 13 1.63 -9.72 -8.29
N TRP A 14 0.80 -8.76 -8.66
N TRP A 14 0.82 -8.74 -8.69
CA TRP A 14 -0.41 -8.54 -7.87
CA TRP A 14 -0.42 -8.44 -7.99
C TRP A 14 -1.33 -9.74 -7.93
C TRP A 14 -1.29 -9.68 -7.97
N ALA A 15 -1.30 -10.49 -9.04
CA ALA A 15 -2.12 -11.71 -9.09
C ALA A 15 -1.71 -12.66 -8.00
N LYS A 16 -0.47 -12.63 -7.53
CA LYS A 16 -0.04 -13.43 -6.39
C LYS A 16 -0.70 -12.95 -5.11
N VAL A 17 -0.74 -11.61 -4.93
CA VAL A 17 -1.44 -11.03 -3.79
C VAL A 17 -2.87 -11.45 -3.77
N GLU A 18 -3.52 -11.44 -4.94
CA GLU A 18 -4.92 -11.75 -5.05
C GLU A 18 -5.28 -13.15 -4.59
N ALA A 19 -4.35 -14.10 -4.60
CA ALA A 19 -4.61 -15.42 -4.07
C ALA A 19 -4.86 -15.42 -2.59
N ASP A 20 -4.32 -14.48 -1.86
CA ASP A 20 -4.42 -14.43 -0.40
C ASP A 20 -4.26 -12.96 0.03
N VAL A 21 -5.31 -12.20 -0.23
CA VAL A 21 -5.22 -10.77 0.08
C VAL A 21 -5.06 -10.59 1.56
N ALA A 22 -5.87 -11.29 2.37
CA ALA A 22 -5.80 -11.11 3.81
C ALA A 22 -4.42 -11.39 4.37
N GLY A 23 -3.77 -12.48 3.95
CA GLY A 23 -2.50 -12.78 4.50
C GLY A 23 -1.43 -11.80 4.08
N HIS A 24 -1.46 -11.37 2.81
CA HIS A 24 -0.54 -10.31 2.40
C HIS A 24 -0.79 -9.04 3.16
N GLY A 25 -2.06 -8.70 3.42
CA GLY A 25 -2.41 -7.52 4.16
C GLY A 25 -1.88 -7.52 5.58
N GLN A 26 -1.98 -8.68 6.23
CA GLN A 26 -1.42 -8.79 7.58
C GLN A 26 0.08 -8.56 7.55
N ASP A 27 0.76 -9.22 6.62
CA ASP A 27 2.21 -9.07 6.54
C ASP A 27 2.59 -7.63 6.30
N ILE A 28 1.89 -6.96 5.39
CA ILE A 28 2.23 -5.59 5.05
C ILE A 28 2.00 -4.65 6.19
N LEU A 29 0.85 -4.69 6.85
CA LEU A 29 0.60 -3.79 7.96
C LEU A 29 1.54 -4.06 9.12
N ILE A 30 1.81 -5.35 9.42
CA ILE A 30 2.76 -5.66 10.49
C ILE A 30 4.14 -5.13 10.15
N ARG A 31 4.58 -5.28 8.91
CA ARG A 31 5.87 -4.73 8.52
C ARG A 31 5.90 -3.23 8.68
N LEU A 32 4.85 -2.55 8.21
CA LEU A 32 4.76 -1.12 8.40
C LEU A 32 4.92 -0.72 9.85
N PHE A 33 4.16 -1.37 10.71
CA PHE A 33 4.16 -0.99 12.13
C PHE A 33 5.45 -1.33 12.80
N LYS A 34 6.10 -2.41 12.41
CA LYS A 34 7.37 -2.73 13.05
C LYS A 34 8.47 -1.82 12.51
N SER A 35 8.49 -1.49 11.23
CA SER A 35 9.55 -0.68 10.64
C SER A 35 9.40 0.78 10.99
N HIS A 36 8.18 1.23 11.15
CA HIS A 36 7.87 2.64 11.42
C HIS A 36 6.78 2.73 12.48
N PRO A 37 7.08 2.48 13.76
CA PRO A 37 6.05 2.37 14.77
C PRO A 37 5.21 3.63 14.89
N GLU A 38 5.71 4.79 14.50
CA GLU A 38 4.90 5.99 14.59
C GLU A 38 3.67 5.82 13.72
N THR A 39 3.75 5.03 12.65
CA THR A 39 2.56 4.89 11.81
C THR A 39 1.38 4.26 12.53
N LEU A 40 1.66 3.36 13.48
CA LEU A 40 0.60 2.71 14.20
C LEU A 40 -0.24 3.69 15.00
N GLU A 41 0.34 4.78 15.43
CA GLU A 41 -0.36 5.77 16.21
C GLU A 41 -1.48 6.45 15.43
N LYS A 42 -1.49 6.38 14.12
CA LYS A 42 -2.52 6.97 13.30
C LYS A 42 -3.82 6.18 13.36
N PHE A 43 -3.73 4.93 13.83
CA PHE A 43 -4.90 4.06 13.81
C PHE A 43 -5.53 3.99 15.19
N ASP A 44 -6.57 4.73 15.43
CA ASP A 44 -7.22 4.68 16.72
C ASP A 44 -7.67 3.27 17.09
N ARG A 45 -8.08 2.41 16.16
CA ARG A 45 -8.52 1.06 16.49
C ARG A 45 -7.36 0.11 16.82
N PHE A 46 -6.17 0.45 16.39
CA PHE A 46 -5.08 -0.53 16.44
C PHE A 46 -3.94 -0.09 17.31
N LYS A 47 -3.88 1.14 17.77
CA LYS A 47 -2.70 1.69 18.39
C LYS A 47 -2.40 1.10 19.76
N HIS A 48 -3.35 0.38 20.33
CA HIS A 48 -3.09 -0.36 21.57
C HIS A 48 -2.31 -1.64 21.34
N LEU A 49 -2.17 -2.13 20.11
CA LEU A 49 -1.50 -3.42 19.91
C LEU A 49 -0.05 -3.30 20.24
N LYS A 50 0.46 -4.21 21.09
CA LYS A 50 1.77 -4.08 21.64
C LYS A 50 2.85 -4.91 20.95
N THR A 51 2.47 -6.00 20.31
CA THR A 51 3.41 -7.00 19.79
C THR A 51 2.92 -7.50 18.43
N GLU A 52 3.83 -8.09 17.70
CA GLU A 52 3.43 -8.77 16.44
C GLU A 52 2.40 -9.84 16.66
N ALA A 53 2.54 -10.58 17.75
CA ALA A 53 1.56 -11.61 18.05
C ALA A 53 0.16 -11.03 18.20
N GLU A 54 0.03 -9.93 18.90
CA GLU A 54 -1.29 -9.30 19.03
C GLU A 54 -1.77 -8.83 17.67
N MET A 55 -0.90 -8.31 16.83
CA MET A 55 -1.28 -7.86 15.52
C MET A 55 -1.78 -9.03 14.69
N LYS A 56 -1.05 -10.14 14.73
CA LYS A 56 -1.50 -11.31 13.95
C LYS A 56 -2.82 -11.87 14.38
N ALA A 57 -3.11 -11.76 15.68
CA ALA A 57 -4.35 -12.30 16.22
C ALA A 57 -5.52 -11.35 16.11
N SER A 58 -5.31 -10.12 15.66
CA SER A 58 -6.36 -9.15 15.53
C SER A 58 -7.17 -9.38 14.27
N GLU A 59 -8.40 -9.80 14.42
CA GLU A 59 -9.29 -10.02 13.29
C GLU A 59 -9.61 -8.70 12.65
N ASP A 60 -9.67 -7.63 13.40
CA ASP A 60 -9.98 -6.31 12.80
C ASP A 60 -8.77 -5.83 12.00
N LEU A 61 -7.55 -6.06 12.44
CA LEU A 61 -6.41 -5.69 11.62
C LEU A 61 -6.38 -6.48 10.32
N LYS A 62 -6.69 -7.75 10.38
CA LYS A 62 -6.79 -8.58 9.19
C LYS A 62 -7.81 -8.03 8.23
N LYS A 63 -8.98 -7.64 8.73
CA LYS A 63 -9.99 -7.04 7.90
C LYS A 63 -9.46 -5.75 7.29
N HIS A 64 -8.75 -4.95 8.05
CA HIS A 64 -8.28 -3.69 7.50
C HIS A 64 -7.28 -3.91 6.40
N GLY A 65 -6.42 -4.89 6.52
CA GLY A 65 -5.50 -5.20 5.45
C GLY A 65 -6.21 -5.58 4.16
N VAL A 66 -7.32 -6.30 4.27
CA VAL A 66 -8.14 -6.57 3.10
C VAL A 66 -8.69 -5.28 2.52
N THR A 67 -9.17 -4.38 3.36
CA THR A 67 -9.68 -3.10 2.88
C THR A 67 -8.64 -2.35 2.10
N VAL A 68 -7.45 -2.24 2.66
CA VAL A 68 -6.36 -1.50 2.03
C VAL A 68 -6.01 -2.11 0.69
N LEU A 69 -5.78 -3.42 0.69
CA LEU A 69 -5.29 -4.05 -0.56
C LEU A 69 -6.38 -4.15 -1.59
N THR A 70 -7.64 -4.24 -1.20
CA THR A 70 -8.74 -4.20 -2.17
C THR A 70 -8.67 -2.86 -2.90
N ALA A 71 -8.53 -1.77 -2.17
CA ALA A 71 -8.47 -0.41 -2.78
C ALA A 71 -7.27 -0.29 -3.66
N LEU A 72 -6.08 -0.72 -3.17
CA LEU A 72 -4.88 -0.60 -3.95
C LEU A 72 -4.94 -1.45 -5.20
N GLY A 73 -5.47 -2.65 -5.10
CA GLY A 73 -5.57 -3.52 -6.26
C GLY A 73 -6.41 -2.88 -7.34
N ALA A 74 -7.51 -2.26 -6.98
CA ALA A 74 -8.33 -1.58 -8.01
C ALA A 74 -7.59 -0.45 -8.66
N ILE A 75 -6.82 0.30 -7.86
CA ILE A 75 -5.98 1.34 -8.42
C ILE A 75 -4.98 0.76 -9.38
N LEU A 76 -4.25 -0.28 -9.01
CA LEU A 76 -3.23 -0.85 -9.91
C LEU A 76 -3.85 -1.37 -11.20
N LYS A 77 -5.01 -2.00 -11.10
CA LYS A 77 -5.68 -2.55 -12.27
C LYS A 77 -6.12 -1.46 -13.24
N LYS A 78 -6.27 -0.21 -12.77
CA LYS A 78 -6.51 0.91 -13.68
C LYS A 78 -5.31 1.33 -14.48
N LYS A 79 -4.12 0.84 -14.16
CA LYS A 79 -2.93 1.10 -14.99
C LYS A 79 -2.75 2.58 -15.23
N GLY A 80 -2.88 3.37 -14.16
CA GLY A 80 -2.64 4.79 -14.22
C GLY A 80 -3.87 5.62 -14.35
N HIS A 81 -4.98 5.03 -14.82
CA HIS A 81 -6.22 5.77 -15.06
C HIS A 81 -7.09 5.72 -13.80
N HIS A 82 -6.52 6.21 -12.69
CA HIS A 82 -7.09 6.00 -11.35
C HIS A 82 -7.64 7.26 -10.71
N GLU A 83 -8.00 8.24 -11.52
CA GLU A 83 -8.49 9.50 -10.96
C GLU A 83 -9.68 9.28 -10.08
N ALA A 84 -10.65 8.47 -10.50
CA ALA A 84 -11.87 8.33 -9.69
C ALA A 84 -11.54 7.65 -8.38
N GLU A 85 -10.66 6.68 -8.40
CA GLU A 85 -10.30 5.92 -7.19
C GLU A 85 -9.55 6.79 -6.17
N LEU A 86 -8.73 7.72 -6.66
CA LEU A 86 -7.94 8.50 -5.76
C LEU A 86 -8.73 9.59 -5.07
N LYS A 87 -9.86 10.04 -5.60
CA LYS A 87 -10.61 11.13 -4.98
C LYS A 87 -11.01 10.78 -3.55
N PRO A 88 -11.77 9.72 -3.31
CA PRO A 88 -12.22 9.49 -1.92
C PRO A 88 -11.07 9.14 -1.01
N LEU A 89 -10.09 8.43 -1.54
CA LEU A 89 -8.95 7.95 -0.74
C LEU A 89 -8.13 9.13 -0.29
N ALA A 90 -7.82 10.04 -1.24
CA ALA A 90 -7.08 11.23 -0.89
C ALA A 90 -7.87 12.07 0.11
N GLN A 91 -9.17 12.22 -0.08
CA GLN A 91 -9.91 13.05 0.84
C GLN A 91 -9.89 12.49 2.25
N SER A 92 -10.14 11.19 2.42
CA SER A 92 -10.14 10.68 3.78
C SER A 92 -8.75 10.74 4.40
N HIS A 93 -7.74 10.37 3.63
CA HIS A 93 -6.38 10.28 4.18
C HIS A 93 -5.80 11.68 4.44
N ALA A 94 -6.19 12.66 3.65
CA ALA A 94 -5.76 14.04 3.95
C ALA A 94 -6.52 14.69 5.09
N THR A 95 -7.83 14.53 5.08
CA THR A 95 -8.68 15.40 5.88
C THR A 95 -9.01 14.77 7.22
N LYS A 96 -9.29 13.46 7.21
CA LYS A 96 -9.66 12.78 8.41
C LYS A 96 -8.45 12.12 9.06
N HIS A 97 -7.79 11.24 8.32
CA HIS A 97 -6.76 10.44 8.96
C HIS A 97 -5.41 11.14 9.10
N LYS A 98 -5.15 12.12 8.23
CA LYS A 98 -3.95 12.96 8.22
C LYS A 98 -2.70 12.11 8.04
N ILE A 99 -2.61 11.49 6.87
CA ILE A 99 -1.50 10.60 6.54
C ILE A 99 -0.49 11.30 5.62
N PRO A 100 0.67 11.67 6.13
CA PRO A 100 1.63 12.34 5.26
C PRO A 100 2.10 11.46 4.14
N ILE A 101 2.54 12.09 3.06
CA ILE A 101 3.16 11.34 1.96
C ILE A 101 4.30 10.45 2.46
N LYS A 102 5.09 10.89 3.46
CA LYS A 102 6.20 10.04 3.92
C LYS A 102 5.64 8.73 4.48
N TYR A 103 4.45 8.72 5.04
CA TYR A 103 3.87 7.50 5.53
C TYR A 103 3.36 6.62 4.40
N LEU A 104 2.90 7.22 3.33
CA LEU A 104 2.57 6.44 2.13
C LEU A 104 3.85 5.85 1.51
N GLU A 105 4.96 6.56 1.63
CA GLU A 105 6.26 5.97 1.21
C GLU A 105 6.55 4.77 2.09
N PHE A 106 6.36 4.89 3.41
CA PHE A 106 6.61 3.77 4.31
C PHE A 106 5.76 2.55 3.96
N ILE A 107 4.48 2.72 3.65
CA ILE A 107 3.68 1.54 3.36
C ILE A 107 4.09 0.98 2.00
N SER A 108 4.51 1.82 1.07
CA SER A 108 5.03 1.34 -0.23
C SER A 108 6.26 0.46 -0.03
N GLU A 109 7.15 0.90 0.85
CA GLU A 109 8.32 0.13 1.17
C GLU A 109 7.94 -1.21 1.80
N ALA A 110 6.92 -1.21 2.66
CA ALA A 110 6.45 -2.46 3.25
C ALA A 110 5.86 -3.39 2.24
N ILE A 111 5.06 -2.88 1.29
CA ILE A 111 4.51 -3.69 0.22
C ILE A 111 5.63 -4.37 -0.54
N ILE A 112 6.62 -3.60 -0.95
CA ILE A 112 7.75 -4.15 -1.71
C ILE A 112 8.50 -5.18 -0.89
N HIS A 113 8.71 -4.89 0.40
N HIS A 113 8.75 -4.88 0.36
CA HIS A 113 9.38 -5.76 1.38
CA HIS A 113 9.51 -5.89 1.12
C HIS A 113 8.74 -7.15 1.38
C HIS A 113 8.75 -7.17 1.34
N VAL A 114 7.42 -7.11 1.56
CA VAL A 114 6.63 -8.34 1.64
C VAL A 114 6.59 -9.08 0.35
N LEU A 115 6.43 -8.39 -0.78
CA LEU A 115 6.48 -9.09 -2.06
C LEU A 115 7.79 -9.80 -2.27
N HIS A 116 8.89 -9.10 -1.92
CA HIS A 116 10.21 -9.69 -2.09
C HIS A 116 10.40 -10.85 -1.16
N SER A 117 9.89 -10.79 0.08
N SER A 117 9.90 -10.89 0.07
CA SER A 117 9.96 -11.82 1.10
CA SER A 117 10.19 -12.04 0.90
C SER A 117 9.22 -13.07 0.68
C SER A 117 9.18 -13.17 0.76
N ARG A 118 7.98 -12.85 0.28
CA ARG A 118 7.05 -13.94 0.07
C ARG A 118 7.24 -14.61 -1.27
N HIS A 119 7.76 -13.89 -2.25
CA HIS A 119 7.85 -14.39 -3.60
C HIS A 119 9.34 -14.31 -4.05
N PRO A 120 10.23 -14.96 -3.31
CA PRO A 120 11.69 -14.85 -3.60
C PRO A 120 12.11 -15.27 -4.98
N GLY A 121 11.40 -16.16 -5.61
CA GLY A 121 11.88 -16.69 -6.90
C GLY A 121 11.18 -16.04 -8.08
N ASP A 122 10.22 -15.16 -7.84
CA ASP A 122 9.47 -14.59 -8.98
C ASP A 122 9.14 -13.13 -8.70
N PHE A 123 10.10 -12.40 -8.18
CA PHE A 123 9.99 -10.95 -7.94
C PHE A 123 11.39 -10.35 -8.05
N GLY A 124 11.92 -10.31 -9.26
CA GLY A 124 13.28 -9.86 -9.50
C GLY A 124 13.37 -8.36 -9.64
N ALA A 125 14.52 -7.87 -10.01
CA ALA A 125 14.78 -6.45 -10.02
C ALA A 125 13.85 -5.71 -10.98
N ASP A 126 13.62 -6.28 -12.18
CA ASP A 126 12.77 -5.61 -13.10
C ASP A 126 11.32 -5.57 -12.58
N ALA A 127 10.81 -6.63 -12.00
CA ALA A 127 9.47 -6.63 -11.44
C ALA A 127 9.37 -5.66 -10.29
N GLN A 128 10.38 -5.63 -9.43
CA GLN A 128 10.35 -4.66 -8.31
C GLN A 128 10.42 -3.24 -8.84
N GLY A 129 11.21 -2.98 -9.88
CA GLY A 129 11.29 -1.64 -10.46
C GLY A 129 9.94 -1.22 -10.97
N ALA A 130 9.22 -2.12 -11.64
CA ALA A 130 7.89 -1.76 -12.15
C ALA A 130 6.89 -1.53 -11.01
N MET A 131 6.93 -2.35 -9.98
CA MET A 131 6.06 -2.10 -8.82
C MET A 131 6.38 -0.76 -8.18
N ASN A 132 7.69 -0.48 -7.99
CA ASN A 132 8.09 0.81 -7.46
C ASN A 132 7.54 1.96 -8.33
N LYS A 133 7.64 1.82 -9.64
N LYS A 133 7.67 1.83 -9.66
CA LYS A 133 7.16 2.89 -10.51
CA LYS A 133 7.17 2.87 -10.55
C LYS A 133 5.66 3.08 -10.37
C LYS A 133 5.68 3.07 -10.26
N ALA A 134 4.92 1.98 -10.19
CA ALA A 134 3.49 2.10 -10.01
C ALA A 134 3.14 2.76 -8.68
N LEU A 135 3.86 2.41 -7.62
CA LEU A 135 3.61 3.02 -6.31
C LEU A 135 4.06 4.46 -6.27
N GLU A 136 5.14 4.80 -6.96
CA GLU A 136 5.58 6.16 -7.08
C GLU A 136 4.52 7.01 -7.79
N LEU A 137 3.92 6.45 -8.84
CA LEU A 137 2.86 7.16 -9.56
C LEU A 137 1.66 7.39 -8.68
N PHE A 138 1.24 6.35 -7.96
CA PHE A 138 0.17 6.49 -6.99
C PHE A 138 0.48 7.61 -5.99
N ARG A 139 1.67 7.63 -5.43
CA ARG A 139 1.98 8.65 -4.46
C ARG A 139 2.05 10.04 -5.07
N LYS A 140 2.57 10.14 -6.29
CA LYS A 140 2.67 11.40 -6.98
C LYS A 140 1.27 11.99 -7.15
N ASP A 141 0.36 11.14 -7.62
CA ASP A 141 -1.00 11.59 -7.91
C ASP A 141 -1.77 11.87 -6.63
N ILE A 142 -1.58 11.07 -5.58
CA ILE A 142 -2.19 11.37 -4.28
C ILE A 142 -1.66 12.68 -3.76
N ALA A 143 -0.35 12.93 -3.86
CA ALA A 143 0.21 14.17 -3.34
C ALA A 143 -0.41 15.37 -4.06
N ALA A 144 -0.64 15.24 -5.38
CA ALA A 144 -1.26 16.35 -6.12
C ALA A 144 -2.67 16.58 -5.60
N LYS A 145 -3.36 15.48 -5.31
N LYS A 145 -3.44 15.52 -5.32
CA LYS A 145 -4.72 15.66 -4.80
CA LYS A 145 -4.78 15.66 -4.76
C LYS A 145 -4.70 16.21 -3.39
C LYS A 145 -4.73 16.24 -3.35
N TYR A 146 -3.78 15.80 -2.53
CA TYR A 146 -3.63 16.38 -1.21
C TYR A 146 -3.52 17.89 -1.31
N LYS A 147 -2.71 18.37 -2.24
CA LYS A 147 -2.50 19.80 -2.41
C LYS A 147 -3.81 20.48 -2.80
N GLU A 148 -4.54 19.89 -3.73
CA GLU A 148 -5.82 20.43 -4.14
C GLU A 148 -6.78 20.52 -2.97
N LEU A 149 -6.69 19.57 -2.02
CA LEU A 149 -7.58 19.46 -0.89
C LEU A 149 -7.18 20.36 0.28
N GLY A 150 -6.00 20.95 0.18
CA GLY A 150 -5.52 21.84 1.22
C GLY A 150 -4.57 21.23 2.21
N TYR A 151 -4.14 20.01 2.02
CA TYR A 151 -3.22 19.31 2.93
C TYR A 151 -1.79 19.27 2.41
N GLN A 152 -0.90 19.75 3.27
CA GLN A 152 0.53 19.85 3.06
C GLN A 152 1.17 18.48 2.95
N GLY A 153 0.70 17.50 3.67
CA GLY A 153 1.08 16.11 3.65
C GLY A 153 2.53 16.00 4.05
S SO4 B . 3.73 0.57 -24.80
O1 SO4 B . 3.81 0.78 -23.36
O2 SO4 B . 4.93 -0.18 -25.21
O3 SO4 B . 2.46 -0.28 -25.05
O4 SO4 B . 3.54 1.83 -25.56
S SO4 C . -7.54 15.14 14.70
O1 SO4 C . -7.74 13.68 14.56
O2 SO4 C . -6.17 15.42 15.18
O3 SO4 C . -8.55 15.65 15.69
O4 SO4 C . -7.76 15.73 13.34
S SO4 D . 11.51 -10.26 -12.88
O1 SO4 D . 12.45 -11.17 -13.55
O2 SO4 D . 12.17 -9.09 -12.33
O3 SO4 D . 10.74 -11.12 -11.84
O4 SO4 D . 10.47 -9.80 -13.89
S SO4 E . -12.23 -1.31 7.73
O1 SO4 E . -11.75 0.10 7.64
O2 SO4 E . -13.28 -1.47 6.69
O3 SO4 E . -12.93 -1.47 9.04
O4 SO4 E . -11.17 -2.26 7.41
FE 6HE F . -5.48 3.95 4.86
CHA 6HE F . -8.62 3.81 6.23
CHB 6HE F . -6.68 2.51 2.02
CHC 6HE F . -2.35 3.94 3.53
CHD 6HE F . -4.27 5.14 7.77
NA 6HE F . -7.26 3.26 4.28
C1A 6HE F . -8.44 3.32 4.92
C2A 6HE F . -9.54 2.84 4.09
C3A 6HE F . -8.97 2.45 2.91
C4A 6HE F . -7.59 2.71 2.99
CMA 6HE F . -9.67 1.88 1.68
CAA 6HE F . -11.02 2.83 4.47
CBA 6HE F . -11.81 3.95 3.75
CGA 6HE F . -11.22 5.29 4.08
O1A 6HE F . -10.64 5.92 3.10
O2A 6HE F . -11.25 5.78 5.20
NB 6HE F . -4.66 3.36 3.12
C1B 6HE F . -5.33 2.84 2.04
C2B 6HE F . -4.38 2.59 0.94
C3B 6HE F . -3.18 2.99 1.37
C4B 6HE F . -3.35 3.48 2.78
CMB 6HE F . -4.81 2.07 -0.42
CAB 6HE F . -1.89 2.92 0.69
CBB 6HE F . -1.53 1.95 -0.11
NC 6HE F . -3.65 4.52 5.51
C1C 6HE F . -2.46 4.38 4.86
C2C 6HE F . -1.35 4.69 5.73
C3C 6HE F . -1.93 4.99 6.96
C4C 6HE F . -3.36 4.92 6.80
CMC 6HE F . 0.11 4.63 5.37
CAC 6HE F . -1.27 5.31 8.26
CBC 6HE F . 0.07 5.44 8.47
ND 6HE F . -6.26 4.45 6.62
C1D 6HE F . -5.63 4.97 7.72
C2D 6HE F . -6.52 5.13 8.80
C3D 6HE F . -7.78 4.68 8.39
C4D 6HE F . -7.62 4.30 7.02
CMD 6HE F . -6.09 5.65 10.16
CAD 6HE F . -9.02 4.58 9.17
#